data_4GAG
#
_entry.id   4GAG
#
_cell.length_a   127.649
_cell.length_b   56.903
_cell.length_c   81.802
_cell.angle_alpha   90.00
_cell.angle_beta   113.90
_cell.angle_gamma   90.00
#
_symmetry.space_group_name_H-M   'C 1 2 1'
#
loop_
_entity.id
_entity.type
_entity.pdbx_description
1 polymer 'NEUTRALIZING ANTIBODY AP33 HEAVY CHAIN'
2 polymer 'NEUTRALIZING ANTIBODY AP33 LIGHT CHAIN'
3 polymer 'Genome polyprotein'
4 non-polymer GLYCEROL
5 water water
#
loop_
_entity_poly.entity_id
_entity_poly.type
_entity_poly.pdbx_seq_one_letter_code
_entity_poly.pdbx_strand_id
1 'polypeptide(L)'
;EVQLQESGPSLVKPSQTLSLTCSVTGDSITSGYWNWIRKFPGNKLEYMGYISYSGSTYYNLSLRSRISITRDTSKNQYYL
QLNSVTTEDTATYYCALITTTTYAMDYWGQGTSVTVSSAKTTPPSVYPLAPGSAAQTNSMVTLGCLVKGYFPEPVTVTWN
SGSLSSGVHTFPAVLQSDLYTLSSSVTVPSSTWPSETVTCNVAHPASSTKVDKKIVPR
;
H
2 'polypeptide(L)'
;NIVLTQSPVSLAVSLGQRATISCRASESVDGYGNSFLHWFQQKPGQPPKLLIYLASNLNSGVPARFSGSGSRTDFTLTID
PVEADDAATYYCQQNNVDPWTFGGGTKLEIKRADAAPTVSIFPPSSEQLTSGGASVVCFLNNFYPKDINVKWKIDGSERQ
NGVLNSWTDQDSKDSTYSMSSTLTLTKDEYERHNSYTCEATHKTSTSPIVKSFNRNEC
;
L
3 'polypeptide(L)' (PCA)LINTNGSWHVN P
#
loop_
_chem_comp.id
_chem_comp.type
_chem_comp.name
_chem_comp.formula
GOL non-polymer GLYCEROL 'C3 H8 O3'
#
# COMPACT_ATOMS: atom_id res chain seq x y z
N GLU A 1 18.59 -13.40 -7.76
CA GLU A 1 19.62 -12.86 -6.81
C GLU A 1 19.77 -11.38 -7.13
N VAL A 2 19.44 -11.01 -8.37
CA VAL A 2 19.28 -9.55 -8.73
C VAL A 2 18.39 -8.77 -7.76
N GLN A 3 18.79 -7.55 -7.38
CA GLN A 3 18.02 -6.70 -6.57
C GLN A 3 17.96 -5.31 -7.25
N LEU A 4 16.79 -4.69 -7.16
CA LEU A 4 16.52 -3.31 -7.73
C LEU A 4 16.03 -2.40 -6.63
N GLN A 5 16.46 -1.13 -6.67
CA GLN A 5 15.98 -0.16 -5.67
C GLN A 5 15.86 1.19 -6.26
N GLU A 6 14.70 1.80 -6.08
CA GLU A 6 14.37 3.10 -6.66
C GLU A 6 14.82 4.12 -5.67
N SER A 7 15.26 5.27 -6.15
CA SER A 7 15.52 6.45 -5.28
C SER A 7 15.26 7.72 -6.00
N GLY A 8 15.03 8.78 -5.24
CA GLY A 8 14.91 10.11 -5.80
C GLY A 8 13.87 10.89 -5.00
N PRO A 9 13.65 12.14 -5.38
CA PRO A 9 12.78 13.03 -4.56
C PRO A 9 11.37 12.48 -4.35
N SER A 10 10.81 12.76 -3.20
CA SER A 10 9.44 12.29 -2.90
C SER A 10 8.45 13.35 -3.28
N LEU A 11 8.90 14.59 -3.63
CA LEU A 11 7.99 15.68 -3.93
C LEU A 11 8.56 16.46 -5.09
N VAL A 12 7.73 16.66 -6.09
CA VAL A 12 8.12 17.40 -7.32
C VAL A 12 7.03 18.46 -7.56
N LYS A 13 7.42 19.69 -7.98
CA LYS A 13 6.40 20.74 -8.21
C LYS A 13 5.78 20.59 -9.60
N PRO A 14 4.49 20.95 -9.75
CA PRO A 14 3.84 20.87 -11.04
C PRO A 14 4.68 21.63 -12.06
N SER A 15 4.70 21.07 -13.27
CA SER A 15 5.49 21.57 -14.40
C SER A 15 6.96 21.27 -14.45
N GLN A 16 7.56 20.75 -13.36
CA GLN A 16 8.96 20.45 -13.40
C GLN A 16 9.14 18.99 -13.83
N THR A 17 10.38 18.55 -13.79
CA THR A 17 10.72 17.19 -14.25
C THR A 17 10.86 16.27 -13.02
N LEU A 18 10.20 15.11 -13.11
CA LEU A 18 10.39 14.03 -12.10
C LEU A 18 11.52 13.11 -12.56
N SER A 19 12.48 12.84 -11.67
CA SER A 19 13.59 12.00 -11.95
C SER A 19 13.75 10.96 -10.91
N LEU A 20 13.93 9.70 -11.34
CA LEU A 20 14.20 8.64 -10.35
C LEU A 20 15.34 7.80 -10.86
N THR A 21 16.04 7.18 -9.94
CA THR A 21 17.07 6.23 -10.30
C THR A 21 16.70 4.86 -9.80
N CYS A 22 17.10 3.87 -10.58
CA CYS A 22 16.99 2.44 -10.13
C CYS A 22 18.39 1.91 -10.02
N SER A 23 18.80 1.48 -8.81
CA SER A 23 20.16 0.91 -8.64
C SER A 23 20.02 -0.62 -8.61
N VAL A 24 20.80 -1.31 -9.45
CA VAL A 24 20.67 -2.72 -9.65
C VAL A 24 21.94 -3.37 -9.06
N THR A 25 21.73 -4.41 -8.26
CA THR A 25 22.84 -5.23 -7.69
C THR A 25 22.60 -6.71 -7.98
N GLY A 26 23.73 -7.44 -8.10
CA GLY A 26 23.79 -8.92 -8.32
C GLY A 26 23.57 -9.51 -9.71
N ASP A 27 23.63 -8.60 -10.70
CA ASP A 27 23.55 -8.89 -12.14
C ASP A 27 23.84 -7.58 -12.91
N SER A 28 24.10 -7.68 -14.21
CA SER A 28 24.42 -6.51 -15.01
C SER A 28 23.24 -6.11 -15.92
N ILE A 29 23.07 -4.79 -16.00
CA ILE A 29 22.01 -4.24 -16.87
C ILE A 29 22.26 -4.38 -18.44
N THR A 30 23.37 -5.03 -18.85
CA THR A 30 23.58 -5.28 -20.27
C THR A 30 22.98 -6.63 -20.69
N SER A 31 22.11 -7.23 -19.87
CA SER A 31 21.19 -8.31 -20.41
C SER A 31 19.78 -7.96 -19.82
N GLY A 32 18.67 -8.38 -20.46
CA GLY A 32 17.31 -8.09 -19.88
C GLY A 32 16.72 -6.73 -20.30
N TYR A 33 15.53 -6.45 -19.78
CA TYR A 33 14.74 -5.27 -20.15
C TYR A 33 14.45 -4.61 -18.81
N TRP A 34 14.72 -3.31 -18.76
CA TRP A 34 14.75 -2.60 -17.44
C TRP A 34 13.66 -1.57 -17.51
N ASN A 35 12.62 -1.81 -16.70
CA ASN A 35 11.35 -1.12 -16.82
C ASN A 35 11.01 -0.22 -15.68
N TRP A 36 10.05 0.69 -15.96
CA TRP A 36 9.39 1.50 -14.91
C TRP A 36 7.91 1.29 -15.03
N ILE A 37 7.25 1.16 -13.85
CA ILE A 37 5.82 0.97 -13.75
C ILE A 37 5.37 1.87 -12.63
N ARG A 38 4.11 2.38 -12.64
CA ARG A 38 3.72 3.16 -11.50
C ARG A 38 2.29 2.74 -11.10
N LYS A 39 1.97 3.00 -9.84
CA LYS A 39 0.67 2.58 -9.28
C LYS A 39 0.04 3.89 -8.70
N PHE A 40 -1.10 4.23 -9.25
CA PHE A 40 -1.83 5.50 -8.89
C PHE A 40 -2.48 5.35 -7.48
N PRO A 41 -2.90 6.46 -6.85
CA PRO A 41 -3.43 6.37 -5.47
C PRO A 41 -4.66 5.47 -5.51
N GLY A 42 -5.36 5.47 -6.63
CA GLY A 42 -6.53 4.65 -6.82
C GLY A 42 -6.25 3.18 -7.01
N ASN A 43 -4.97 2.87 -7.05
CA ASN A 43 -4.41 1.54 -7.15
C ASN A 43 -4.16 0.97 -8.58
N LYS A 44 -4.60 1.66 -9.60
CA LYS A 44 -4.41 1.20 -10.94
C LYS A 44 -2.91 1.13 -11.24
N LEU A 45 -2.48 0.10 -11.94
CA LEU A 45 -1.09 0.04 -12.38
C LEU A 45 -0.95 0.45 -13.84
N GLU A 46 0.11 1.26 -14.13
CA GLU A 46 0.31 1.69 -15.51
C GLU A 46 1.74 1.36 -15.93
N TYR A 47 1.94 0.70 -17.07
CA TYR A 47 3.30 0.47 -17.56
C TYR A 47 3.87 1.73 -18.16
N MET A 48 5.13 2.09 -17.77
CA MET A 48 5.72 3.34 -18.37
C MET A 48 6.64 3.03 -19.53
N GLY A 49 7.59 2.11 -19.34
CA GLY A 49 8.51 1.84 -20.44
C GLY A 49 9.72 1.02 -20.02
N TYR A 50 10.59 0.75 -20.99
CA TYR A 50 11.88 0.13 -20.72
C TYR A 50 13.03 0.76 -21.49
N ILE A 51 14.24 0.44 -21.01
CA ILE A 51 15.44 0.52 -21.82
C ILE A 51 15.97 -0.90 -21.81
N SER A 52 16.37 -1.39 -22.98
CA SER A 52 16.82 -2.76 -23.02
C SER A 52 18.33 -2.87 -22.81
N TYR A 53 18.76 -4.11 -22.81
CA TYR A 53 20.20 -4.43 -22.76
C TYR A 53 21.04 -3.79 -23.87
N SER A 54 20.41 -3.40 -24.97
CA SER A 54 21.16 -2.81 -26.08
C SER A 54 21.14 -1.28 -26.06
N GLY A 55 20.28 -0.71 -25.21
CA GLY A 55 20.08 0.77 -25.24
C GLY A 55 18.80 1.17 -25.93
N SER A 56 18.12 0.28 -26.63
CA SER A 56 16.83 0.56 -27.27
C SER A 56 15.75 0.81 -26.21
N THR A 57 14.72 1.58 -26.55
CA THR A 57 13.65 1.89 -25.52
C THR A 57 12.27 1.63 -26.06
N TYR A 58 11.31 1.50 -25.17
CA TYR A 58 9.90 1.33 -25.53
C TYR A 58 9.19 2.15 -24.47
N TYR A 59 8.30 3.06 -24.93
CA TYR A 59 7.51 3.85 -24.01
C TYR A 59 6.03 3.70 -24.27
N ASN A 60 5.25 3.72 -23.20
CA ASN A 60 3.78 3.76 -23.31
C ASN A 60 3.41 4.98 -24.08
N LEU A 61 2.56 4.84 -25.09
CA LEU A 61 2.15 5.99 -25.91
C LEU A 61 1.51 7.09 -25.10
N SER A 62 0.87 6.75 -23.98
CA SER A 62 0.23 7.75 -23.11
C SER A 62 1.27 8.70 -22.55
N LEU A 63 2.52 8.23 -22.48
CA LEU A 63 3.64 9.06 -21.99
C LEU A 63 4.75 9.42 -22.98
N ARG A 64 4.77 8.79 -24.16
CA ARG A 64 5.94 8.87 -25.06
C ARG A 64 6.48 10.27 -25.24
N SER A 65 5.62 11.29 -25.19
CA SER A 65 6.11 12.62 -25.42
C SER A 65 6.92 13.21 -24.22
N ARG A 66 6.63 12.73 -23.02
CA ARG A 66 7.20 13.34 -21.82
C ARG A 66 8.23 12.47 -21.12
N ILE A 67 8.43 11.25 -21.57
CA ILE A 67 9.27 10.35 -20.77
C ILE A 67 10.62 10.07 -21.44
N SER A 68 11.66 9.86 -20.62
CA SER A 68 12.89 9.31 -21.14
CA SER A 68 12.94 9.34 -21.11
C SER A 68 13.45 8.26 -20.15
N ILE A 69 13.89 7.11 -20.67
CA ILE A 69 14.52 6.13 -19.77
C ILE A 69 15.92 5.97 -20.30
N THR A 70 16.92 6.15 -19.44
CA THR A 70 18.33 6.02 -19.88
C THR A 70 19.10 5.13 -18.88
N ARG A 71 20.38 4.88 -19.18
CA ARG A 71 21.13 4.06 -18.28
C ARG A 71 22.57 4.43 -18.17
N ASP A 72 23.24 3.93 -17.12
CA ASP A 72 24.71 4.09 -17.05
C ASP A 72 25.27 2.75 -16.61
N THR A 73 25.81 1.98 -17.54
CA THR A 73 26.28 0.64 -17.24
C THR A 73 27.54 0.65 -16.35
N SER A 74 28.19 1.82 -16.21
CA SER A 74 29.37 1.85 -15.34
C SER A 74 28.91 1.95 -13.89
N LYS A 75 27.67 2.40 -13.64
CA LYS A 75 27.12 2.48 -12.29
C LYS A 75 26.12 1.35 -12.04
N ASN A 76 25.82 0.57 -13.06
CA ASN A 76 24.68 -0.39 -13.04
C ASN A 76 23.37 0.26 -12.52
N GLN A 77 23.05 1.41 -13.10
CA GLN A 77 21.85 2.08 -12.73
C GLN A 77 21.10 2.41 -14.04
N TYR A 78 19.78 2.55 -13.92
CA TYR A 78 19.05 3.17 -15.03
C TYR A 78 18.08 4.20 -14.43
N TYR A 79 17.50 5.05 -15.31
CA TYR A 79 16.90 6.28 -14.80
C TYR A 79 15.60 6.55 -15.49
N LEU A 80 14.67 7.14 -14.77
CA LEU A 80 13.45 7.68 -15.39
C LEU A 80 13.41 9.22 -15.33
N GLN A 81 13.00 9.84 -16.42
CA GLN A 81 12.72 11.29 -16.31
C GLN A 81 11.39 11.44 -16.93
N LEU A 82 10.54 12.15 -16.22
CA LEU A 82 9.15 12.41 -16.70
C LEU A 82 8.94 13.93 -16.67
N ASN A 83 8.85 14.56 -17.87
CA ASN A 83 8.76 16.06 -17.91
C ASN A 83 7.35 16.58 -17.60
N SER A 84 7.27 17.89 -17.27
CA SER A 84 6.02 18.63 -17.25
C SER A 84 4.98 17.92 -16.39
N VAL A 85 5.36 17.49 -15.17
CA VAL A 85 4.41 16.74 -14.40
C VAL A 85 3.25 17.60 -13.85
N THR A 86 2.16 16.91 -13.59
CA THR A 86 0.98 17.49 -12.98
C THR A 86 0.65 16.67 -11.77
N THR A 87 -0.36 17.11 -10.99
CA THR A 87 -0.78 16.30 -9.86
C THR A 87 -1.24 14.92 -10.24
N GLU A 88 -1.63 14.71 -11.51
CA GLU A 88 -2.01 13.40 -12.01
C GLU A 88 -0.82 12.42 -12.03
N ASP A 89 0.41 12.90 -11.91
CA ASP A 89 1.61 12.01 -11.88
C ASP A 89 1.99 11.54 -10.47
N THR A 90 1.22 11.92 -9.48
CA THR A 90 1.44 11.37 -8.09
C THR A 90 1.18 9.86 -8.12
N ALA A 91 2.14 9.04 -7.64
CA ALA A 91 2.05 7.59 -7.75
C ALA A 91 3.19 6.96 -7.02
N THR A 92 3.13 5.67 -6.82
CA THR A 92 4.28 4.90 -6.37
C THR A 92 4.97 4.37 -7.62
N TYR A 93 6.26 4.65 -7.72
CA TYR A 93 7.04 4.29 -8.95
C TYR A 93 7.90 3.08 -8.63
N TYR A 94 7.92 2.09 -9.56
CA TYR A 94 8.67 0.86 -9.38
C TYR A 94 9.56 0.62 -10.56
N CYS A 95 10.77 0.11 -10.25
CA CYS A 95 11.54 -0.43 -11.37
C CYS A 95 11.46 -1.97 -11.28
N ALA A 96 11.50 -2.60 -12.44
CA ALA A 96 11.40 -4.03 -12.52
C ALA A 96 12.13 -4.53 -13.73
N LEU A 97 12.64 -5.74 -13.61
CA LEU A 97 13.36 -6.38 -14.72
C LEU A 97 12.46 -7.42 -15.40
N ILE A 98 12.49 -7.51 -16.74
CA ILE A 98 11.97 -8.66 -17.48
C ILE A 98 13.19 -9.41 -18.00
N THR A 99 13.31 -10.73 -17.60
CA THR A 99 14.29 -11.60 -18.31
C THR A 99 13.61 -12.41 -19.39
N THR A 100 14.38 -13.03 -20.31
CA THR A 100 13.75 -13.82 -21.34
C THR A 100 13.50 -15.28 -20.87
N THR A 101 13.81 -15.52 -19.61
CA THR A 101 13.41 -16.78 -18.96
C THR A 101 11.90 -16.91 -18.83
N THR A 102 11.26 -15.81 -18.47
CA THR A 102 9.80 -15.80 -18.26
C THR A 102 9.07 -14.82 -19.19
N TYR A 103 9.83 -13.89 -19.82
CA TYR A 103 9.26 -12.75 -20.58
C TYR A 103 8.27 -11.97 -19.72
N ALA A 104 8.46 -11.98 -18.43
CA ALA A 104 7.55 -11.27 -17.50
C ALA A 104 8.37 -10.39 -16.56
N MET A 105 7.68 -9.44 -15.93
CA MET A 105 8.32 -8.54 -14.95
CA MET A 105 8.35 -8.52 -14.93
C MET A 105 8.57 -9.35 -13.68
N ASP A 106 9.79 -9.91 -13.60
CA ASP A 106 10.04 -11.04 -12.64
C ASP A 106 10.79 -10.64 -11.42
N TYR A 107 11.41 -9.41 -11.38
CA TYR A 107 12.07 -8.91 -10.16
C TYR A 107 11.72 -7.47 -10.04
N TRP A 108 11.36 -7.02 -8.82
CA TRP A 108 10.80 -5.65 -8.64
C TRP A 108 11.53 -4.98 -7.52
N GLY A 109 11.72 -3.67 -7.65
CA GLY A 109 12.03 -2.83 -6.47
C GLY A 109 10.88 -2.69 -5.48
N GLN A 110 11.17 -2.15 -4.31
CA GLN A 110 10.12 -2.00 -3.28
C GLN A 110 9.14 -0.87 -3.66
N GLY A 111 9.60 0.03 -4.54
CA GLY A 111 8.79 1.14 -4.96
C GLY A 111 9.06 2.40 -4.14
N THR A 112 8.83 3.56 -4.76
CA THR A 112 9.07 4.83 -4.06
C THR A 112 7.93 5.77 -4.40
N SER A 113 7.44 6.49 -3.38
CA SER A 113 6.36 7.43 -3.59
C SER A 113 6.90 8.75 -4.18
N VAL A 114 6.23 9.21 -5.25
CA VAL A 114 6.45 10.57 -5.69
C VAL A 114 5.13 11.30 -5.73
N THR A 115 5.03 12.44 -5.01
CA THR A 115 3.85 13.31 -5.02
C THR A 115 4.17 14.54 -5.86
N VAL A 116 3.23 14.97 -6.70
CA VAL A 116 3.41 16.17 -7.48
C VAL A 116 2.37 17.17 -6.89
N SER A 117 2.90 18.28 -6.35
CA SER A 117 2.06 19.22 -5.63
C SER A 117 2.84 20.52 -5.40
N SER A 118 2.09 21.63 -5.32
CA SER A 118 2.63 22.93 -4.96
C SER A 118 2.63 23.09 -3.41
N ALA A 119 2.06 22.13 -2.71
CA ALA A 119 2.00 22.20 -1.21
C ALA A 119 3.39 22.04 -0.61
N LYS A 120 3.61 22.60 0.58
CA LYS A 120 4.98 22.64 1.11
C LYS A 120 5.31 21.41 2.00
N THR A 121 6.54 20.94 1.90
CA THR A 121 7.10 19.88 2.77
C THR A 121 6.99 20.42 4.20
N THR A 122 6.45 19.60 5.09
CA THR A 122 6.13 20.05 6.46
C THR A 122 6.47 18.84 7.38
N PRO A 123 7.34 19.03 8.39
CA PRO A 123 7.71 17.92 9.25
C PRO A 123 6.56 17.53 10.22
N PRO A 124 6.60 16.29 10.74
CA PRO A 124 5.51 15.79 11.54
C PRO A 124 5.54 16.28 13.01
N SER A 125 4.39 16.31 13.66
CA SER A 125 4.31 16.38 15.15
C SER A 125 3.97 14.94 15.55
N VAL A 126 4.58 14.47 16.64
CA VAL A 126 4.43 13.09 17.05
C VAL A 126 3.87 13.11 18.47
N TYR A 127 2.67 12.55 18.59
CA TYR A 127 1.96 12.64 19.84
C TYR A 127 1.80 11.23 20.46
N PRO A 128 2.10 11.10 21.78
CA PRO A 128 2.01 9.75 22.37
C PRO A 128 0.51 9.45 22.70
N LEU A 129 0.13 8.19 22.59
CA LEU A 129 -1.24 7.75 22.94
C LEU A 129 -1.03 6.81 24.13
N ALA A 130 -1.47 7.25 25.28
CA ALA A 130 -1.39 6.34 26.45
C ALA A 130 -2.77 6.35 27.11
N PRO A 131 -3.10 5.30 27.85
CA PRO A 131 -4.49 5.26 28.39
C PRO A 131 -4.75 6.20 29.55
N ASN A 138 -6.06 -4.25 32.68
CA ASN A 138 -6.13 -5.54 31.97
C ASN A 138 -4.73 -6.13 31.76
N SER A 139 -4.65 -7.39 31.41
CA SER A 139 -3.35 -8.01 31.12
C SER A 139 -2.67 -7.56 29.82
N MET A 140 -3.44 -7.17 28.79
CA MET A 140 -2.87 -6.56 27.53
C MET A 140 -3.08 -5.06 27.63
N VAL A 141 -2.15 -4.24 27.07
CA VAL A 141 -2.37 -2.79 27.06
C VAL A 141 -2.07 -2.34 25.62
N THR A 142 -2.90 -1.45 25.09
CA THR A 142 -2.60 -0.94 23.73
C THR A 142 -2.14 0.52 23.95
N LEU A 143 -1.06 0.87 23.27
CA LEU A 143 -0.50 2.23 23.28
C LEU A 143 -0.42 2.64 21.81
N GLY A 144 -0.02 3.87 21.55
CA GLY A 144 0.02 4.25 20.15
C GLY A 144 0.80 5.55 19.96
N CYS A 145 0.95 5.94 18.70
CA CYS A 145 1.50 7.25 18.38
C CYS A 145 0.61 7.86 17.29
N LEU A 146 0.37 9.16 17.42
CA LEU A 146 -0.48 9.86 16.43
C LEU A 146 0.52 10.81 15.75
N VAL A 147 0.61 10.74 14.43
CA VAL A 147 1.61 11.53 13.70
C VAL A 147 0.84 12.50 12.78
N LYS A 148 0.95 13.80 13.04
CA LYS A 148 0.03 14.78 12.48
C LYS A 148 0.77 15.90 11.81
N GLY A 149 0.16 16.46 10.77
CA GLY A 149 0.59 17.80 10.30
C GLY A 149 1.76 17.68 9.33
N TYR A 150 1.96 16.54 8.65
CA TYR A 150 3.16 16.44 7.78
C TYR A 150 2.86 16.34 6.32
N PHE A 151 3.89 16.60 5.50
CA PHE A 151 3.73 16.51 4.00
C PHE A 151 5.08 16.49 3.38
N PRO A 152 5.26 15.69 2.29
CA PRO A 152 4.38 14.69 1.68
C PRO A 152 4.52 13.34 2.44
N GLU A 153 3.77 12.35 1.99
CA GLU A 153 4.06 10.94 2.33
C GLU A 153 5.38 10.55 1.72
N PRO A 154 6.09 9.57 2.27
CA PRO A 154 5.70 8.67 3.37
C PRO A 154 6.25 9.08 4.71
N VAL A 155 5.58 8.59 5.74
CA VAL A 155 6.14 8.55 7.09
C VAL A 155 6.16 7.06 7.33
N THR A 156 7.25 6.57 7.93
CA THR A 156 7.26 5.21 8.52
C THR A 156 7.34 5.18 10.03
N VAL A 157 6.81 4.13 10.63
CA VAL A 157 6.74 3.98 12.07
C VAL A 157 7.25 2.60 12.42
N THR A 158 8.12 2.56 13.44
CA THR A 158 8.50 1.29 14.11
C THR A 158 8.34 1.44 15.59
N TRP A 159 8.37 0.32 16.30
CA TRP A 159 8.25 0.39 17.79
C TRP A 159 9.47 -0.30 18.38
N ASN A 160 10.09 0.33 19.35
CA ASN A 160 11.37 -0.13 19.96
C ASN A 160 12.36 -0.53 18.88
N SER A 161 12.47 0.33 17.86
CA SER A 161 13.38 0.09 16.70
C SER A 161 13.13 -1.22 15.97
N GLY A 162 11.89 -1.70 15.90
CA GLY A 162 11.55 -2.91 15.17
C GLY A 162 11.47 -4.19 16.02
N SER A 163 11.87 -4.10 17.29
CA SER A 163 11.79 -5.25 18.17
C SER A 163 10.40 -5.53 18.74
N LEU A 164 9.49 -4.56 18.77
CA LEU A 164 8.06 -4.86 18.84
C LEU A 164 7.51 -4.75 17.45
N SER A 165 7.05 -5.85 16.89
CA SER A 165 6.75 -5.96 15.48
C SER A 165 5.35 -6.65 15.34
N SER A 166 5.17 -7.74 16.07
CA SER A 166 3.84 -8.35 16.09
C SER A 166 2.97 -7.50 17.07
N GLY A 167 1.69 -7.49 16.87
CA GLY A 167 0.92 -6.61 17.80
C GLY A 167 0.86 -5.13 17.34
N VAL A 168 1.42 -4.81 16.18
CA VAL A 168 1.42 -3.42 15.67
C VAL A 168 0.42 -3.29 14.53
N HIS A 169 -0.34 -2.17 14.53
CA HIS A 169 -1.11 -1.80 13.36
C HIS A 169 -0.76 -0.35 13.02
N THR A 170 -0.15 -0.15 11.88
CA THR A 170 0.08 1.24 11.39
C THR A 170 -0.90 1.56 10.27
N PHE A 171 -1.65 2.65 10.38
CA PHE A 171 -2.82 2.80 9.55
C PHE A 171 -2.41 3.74 8.39
N PRO A 172 -2.98 3.50 7.23
CA PRO A 172 -2.75 4.41 6.08
C PRO A 172 -2.97 5.85 6.45
N ALA A 173 -2.13 6.71 5.89
CA ALA A 173 -2.23 8.13 6.22
C ALA A 173 -3.48 8.71 5.58
N VAL A 174 -4.04 9.70 6.19
CA VAL A 174 -5.16 10.48 5.59
C VAL A 174 -4.80 11.95 5.38
N LEU A 175 -5.18 12.46 4.21
CA LEU A 175 -4.78 13.81 3.82
C LEU A 175 -5.95 14.70 4.10
N GLN A 176 -5.72 15.83 4.76
CA GLN A 176 -6.72 16.85 4.91
C GLN A 176 -6.04 18.21 4.80
N SER A 177 -6.52 19.05 3.89
CA SER A 177 -5.92 20.38 3.73
C SER A 177 -4.40 20.39 3.51
N ASP A 178 -3.88 19.53 2.65
CA ASP A 178 -2.45 19.39 2.34
C ASP A 178 -1.55 18.92 3.46
N LEU A 179 -2.15 18.39 4.53
CA LEU A 179 -1.42 17.78 5.64
C LEU A 179 -1.97 16.41 5.95
N TYR A 180 -1.03 15.48 6.20
CA TYR A 180 -1.38 14.06 6.51
C TYR A 180 -1.47 13.87 8.03
N THR A 181 -2.33 12.92 8.38
CA THR A 181 -2.36 12.32 9.72
C THR A 181 -2.20 10.80 9.58
N LEU A 182 -1.40 10.17 10.45
CA LEU A 182 -1.30 8.73 10.41
C LEU A 182 -1.26 8.30 11.91
N SER A 183 -1.66 7.10 12.24
CA SER A 183 -1.52 6.67 13.62
C SER A 183 -0.99 5.21 13.53
N SER A 184 -0.45 4.76 14.64
CA SER A 184 0.03 3.37 14.78
C SER A 184 -0.23 2.93 16.22
N SER A 185 -0.79 1.71 16.38
CA SER A 185 -1.03 1.14 17.71
C SER A 185 -0.10 -0.04 17.95
N VAL A 186 0.24 -0.30 19.21
CA VAL A 186 1.01 -1.50 19.50
C VAL A 186 0.40 -2.02 20.80
N THR A 187 0.37 -3.37 20.88
CA THR A 187 -0.33 -4.03 22.01
C THR A 187 0.75 -4.92 22.72
N VAL A 188 0.92 -4.71 23.99
CA VAL A 188 1.97 -5.45 24.76
C VAL A 188 1.35 -5.91 26.09
N PRO A 189 1.98 -6.92 26.77
CA PRO A 189 1.53 -7.31 28.09
C PRO A 189 1.71 -6.20 29.07
N SER A 190 0.73 -5.99 29.92
CA SER A 190 0.75 -4.98 30.96
C SER A 190 1.92 -5.21 31.91
N SER A 191 2.49 -6.41 31.91
CA SER A 191 3.66 -6.62 32.76
C SER A 191 4.94 -6.03 32.11
N THR A 192 4.83 -5.60 30.85
CA THR A 192 6.01 -5.03 30.19
C THR A 192 6.01 -3.48 30.14
N TRP A 193 4.88 -2.85 30.36
CA TRP A 193 4.76 -1.41 30.33
C TRP A 193 3.88 -1.01 31.49
N PRO A 194 4.26 0.02 32.25
CA PRO A 194 5.43 0.91 32.04
C PRO A 194 6.74 0.44 32.62
N SER A 195 6.78 -0.79 33.16
CA SER A 195 8.06 -1.26 33.74
C SER A 195 9.23 -1.24 32.71
N GLU A 196 8.99 -1.60 31.44
CA GLU A 196 10.00 -1.55 30.38
C GLU A 196 9.52 -0.45 29.39
N THR A 197 10.45 0.18 28.71
CA THR A 197 10.09 1.34 27.83
C THR A 197 9.46 0.88 26.53
N VAL A 198 8.54 1.70 25.99
CA VAL A 198 7.94 1.46 24.67
C VAL A 198 8.02 2.86 23.96
N THR A 199 8.60 2.85 22.77
CA THR A 199 8.97 4.09 22.00
C THR A 199 8.53 3.85 20.59
N CYS A 200 7.78 4.82 20.03
CA CYS A 200 7.55 4.75 18.59
C CYS A 200 8.62 5.62 17.85
N ASN A 201 9.16 5.09 16.75
CA ASN A 201 10.26 5.74 16.00
C ASN A 201 9.61 6.12 14.70
N VAL A 202 9.53 7.46 14.46
CA VAL A 202 8.80 7.99 13.30
C VAL A 202 9.84 8.57 12.38
N ALA A 203 9.80 8.22 11.09
CA ALA A 203 10.78 8.77 10.14
C ALA A 203 9.97 9.51 9.09
N HIS A 204 10.44 10.72 8.76
CA HIS A 204 9.84 11.41 7.63
C HIS A 204 11.03 11.87 6.77
N PRO A 205 11.48 11.01 5.85
CA PRO A 205 12.65 11.40 5.07
C PRO A 205 12.55 12.66 4.23
N ALA A 206 11.37 12.98 3.73
CA ALA A 206 11.25 14.21 2.93
C ALA A 206 11.67 15.51 3.71
N SER A 207 11.44 15.54 5.03
CA SER A 207 11.83 16.71 5.83
C SER A 207 13.11 16.41 6.57
N SER A 208 13.77 15.30 6.25
CA SER A 208 15.03 14.91 6.90
C SER A 208 14.90 14.75 8.44
N THR A 209 13.79 14.15 8.88
CA THR A 209 13.40 14.11 10.30
C THR A 209 13.26 12.67 10.81
N LYS A 210 13.77 12.36 11.99
CA LYS A 210 13.34 11.15 12.72
C LYS A 210 12.96 11.65 14.08
N VAL A 211 11.91 11.09 14.64
CA VAL A 211 11.45 11.48 15.99
C VAL A 211 11.18 10.20 16.77
N ASP A 212 11.77 10.07 17.97
CA ASP A 212 11.43 8.97 18.87
C ASP A 212 10.56 9.55 19.97
N LYS A 213 9.41 8.92 20.24
CA LYS A 213 8.58 9.40 21.32
C LYS A 213 8.42 8.23 22.31
N LYS A 214 8.93 8.35 23.53
CA LYS A 214 8.65 7.24 24.50
C LYS A 214 7.23 7.50 25.07
N ILE A 215 6.52 6.39 25.30
CA ILE A 215 5.16 6.43 25.81
C ILE A 215 5.21 6.31 27.32
N VAL A 216 4.95 7.41 28.00
CA VAL A 216 4.95 7.39 29.48
C VAL A 216 3.50 7.39 30.00
N PRO A 217 3.28 6.73 31.15
CA PRO A 217 1.94 6.71 31.69
C PRO A 217 1.40 8.12 32.03
N ARG A 218 0.09 8.30 31.92
CA ARG A 218 -0.50 9.60 32.24
C ARG A 218 -0.53 9.91 33.73
N ASN B 1 -7.40 1.17 -27.68
CA ASN B 1 -6.11 0.52 -27.31
C ASN B 1 -6.55 -0.78 -26.66
N ILE B 2 -5.69 -1.80 -26.72
CA ILE B 2 -5.96 -3.07 -26.02
C ILE B 2 -6.34 -2.83 -24.57
N VAL B 3 -7.35 -3.57 -24.11
CA VAL B 3 -7.67 -3.58 -22.67
C VAL B 3 -7.77 -4.97 -22.11
N LEU B 4 -7.40 -5.08 -20.82
CA LEU B 4 -7.58 -6.29 -20.10
C LEU B 4 -8.72 -6.10 -19.12
N THR B 5 -9.72 -6.98 -19.19
CA THR B 5 -10.91 -6.90 -18.27
C THR B 5 -10.86 -8.01 -17.28
N GLN B 6 -10.76 -7.67 -15.99
CA GLN B 6 -10.77 -8.70 -14.97
C GLN B 6 -12.14 -8.78 -14.41
N SER B 7 -12.50 -9.98 -14.02
CA SER B 7 -13.76 -10.22 -13.26
C SER B 7 -13.55 -11.41 -12.35
N PRO B 8 -14.20 -11.45 -11.18
CA PRO B 8 -15.12 -10.42 -10.68
C PRO B 8 -14.30 -9.27 -10.12
N VAL B 9 -14.95 -8.19 -9.61
CA VAL B 9 -14.12 -7.09 -9.07
C VAL B 9 -13.53 -7.51 -7.76
N SER B 10 -14.18 -8.46 -7.08
CA SER B 10 -13.64 -8.93 -5.79
C SER B 10 -14.40 -10.20 -5.46
N LEU B 11 -13.91 -10.93 -4.48
CA LEU B 11 -14.58 -12.16 -4.05
C LEU B 11 -14.07 -12.52 -2.67
N ALA B 12 -14.92 -13.25 -1.92
CA ALA B 12 -14.58 -13.64 -0.54
C ALA B 12 -14.70 -15.17 -0.56
N VAL B 13 -13.66 -15.86 -0.08
CA VAL B 13 -13.56 -17.33 -0.21
C VAL B 13 -13.17 -17.81 1.15
N SER B 14 -13.76 -18.95 1.59
CA SER B 14 -13.30 -19.57 2.82
C SER B 14 -11.94 -20.29 2.71
N LEU B 15 -11.25 -20.40 3.83
CA LEU B 15 -9.99 -21.15 3.81
C LEU B 15 -10.25 -22.55 3.29
N GLY B 16 -9.35 -23.07 2.47
CA GLY B 16 -9.46 -24.42 1.90
C GLY B 16 -10.28 -24.48 0.65
N GLN B 17 -10.98 -23.39 0.25
CA GLN B 17 -11.83 -23.40 -0.92
C GLN B 17 -11.13 -22.86 -2.18
N ARG B 18 -11.84 -22.84 -3.28
CA ARG B 18 -11.18 -22.45 -4.53
C ARG B 18 -11.59 -21.01 -4.89
N ALA B 19 -10.61 -20.20 -5.33
CA ALA B 19 -10.88 -18.87 -5.93
C ALA B 19 -10.58 -18.94 -7.47
N THR B 20 -11.50 -18.48 -8.32
CA THR B 20 -11.28 -18.38 -9.80
C THR B 20 -11.44 -16.92 -10.25
N ILE B 21 -10.40 -16.39 -10.89
CA ILE B 21 -10.38 -14.99 -11.34
C ILE B 21 -10.16 -15.06 -12.88
N SER B 22 -10.85 -14.16 -13.61
CA SER B 22 -10.83 -14.14 -15.08
CA SER B 22 -10.76 -14.16 -15.09
C SER B 22 -10.14 -12.88 -15.59
N CYS B 23 -9.49 -12.97 -16.74
CA CYS B 23 -8.90 -11.85 -17.41
C CYS B 23 -9.14 -12.11 -18.87
N ARG B 24 -9.83 -11.17 -19.53
CA ARG B 24 -10.11 -11.26 -20.92
C ARG B 24 -9.44 -10.09 -21.62
N ALA B 25 -8.73 -10.39 -22.69
CA ALA B 25 -8.11 -9.35 -23.49
C ALA B 25 -8.97 -9.00 -24.70
N SER B 26 -8.99 -7.72 -25.08
CA SER B 26 -9.83 -7.27 -26.22
C SER B 26 -9.27 -7.76 -27.56
N GLU B 27 -8.01 -8.21 -27.59
CA GLU B 27 -7.44 -8.81 -28.79
C GLU B 27 -6.36 -9.79 -28.35
N SER B 28 -5.85 -10.65 -29.26
CA SER B 28 -4.92 -11.72 -28.89
C SER B 28 -3.62 -11.15 -28.35
N VAL B 29 -3.18 -11.77 -27.23
CA VAL B 29 -1.84 -11.43 -26.69
C VAL B 29 -0.85 -12.49 -26.98
N ASP B 30 -1.16 -13.35 -27.95
CA ASP B 30 -0.25 -14.45 -28.28
C ASP B 30 0.76 -13.99 -29.37
N GLY B 31 1.89 -14.63 -29.33
CA GLY B 31 2.91 -14.50 -30.43
C GLY B 31 3.86 -15.66 -30.28
N TYR B 32 4.36 -16.22 -31.40
CA TYR B 32 5.35 -17.29 -31.29
C TYR B 32 4.88 -18.46 -30.45
N GLY B 33 3.56 -18.67 -30.44
CA GLY B 33 3.04 -19.82 -29.70
C GLY B 33 3.04 -19.61 -28.20
N ASN B 34 3.29 -18.36 -27.76
CA ASN B 34 3.29 -18.05 -26.31
C ASN B 34 2.06 -17.16 -26.06
N SER B 35 1.49 -17.13 -24.83
CA SER B 35 0.48 -16.11 -24.51
C SER B 35 1.21 -15.18 -23.53
N PHE B 36 1.40 -13.92 -23.93
CA PHE B 36 2.21 -12.99 -23.10
C PHE B 36 1.26 -12.36 -22.08
N LEU B 37 0.77 -13.23 -21.21
CA LEU B 37 -0.23 -12.86 -20.22
C LEU B 37 0.30 -13.39 -18.91
N HIS B 38 0.47 -12.49 -17.91
CA HIS B 38 1.07 -12.89 -16.63
C HIS B 38 0.19 -12.45 -15.50
N TRP B 39 0.32 -13.13 -14.36
CA TRP B 39 -0.54 -12.78 -13.18
C TRP B 39 0.34 -12.36 -12.03
N PHE B 40 -0.10 -11.33 -11.25
CA PHE B 40 0.67 -10.78 -10.11
C PHE B 40 -0.22 -10.76 -8.94
N GLN B 41 0.41 -10.85 -7.76
CA GLN B 41 -0.29 -10.62 -6.51
C GLN B 41 0.27 -9.34 -5.93
N GLN B 42 -0.59 -8.48 -5.36
CA GLN B 42 -0.03 -7.32 -4.70
C GLN B 42 -0.74 -7.01 -3.39
N LYS B 43 0.07 -6.72 -2.37
CA LYS B 43 -0.51 -6.35 -1.07
C LYS B 43 -0.07 -4.94 -0.72
N PRO B 44 -0.76 -4.30 0.26
CA PRO B 44 -0.42 -2.87 0.53
C PRO B 44 1.00 -2.78 1.00
N GLY B 45 1.66 -1.71 0.55
CA GLY B 45 3.02 -1.41 0.97
C GLY B 45 4.08 -2.31 0.33
N GLN B 46 3.67 -3.12 -0.66
CA GLN B 46 4.61 -4.04 -1.30
C GLN B 46 4.48 -3.94 -2.82
N PRO B 47 5.55 -4.28 -3.57
CA PRO B 47 5.38 -4.28 -5.04
C PRO B 47 4.60 -5.50 -5.51
N PRO B 48 4.06 -5.49 -6.73
CA PRO B 48 3.49 -6.73 -7.30
C PRO B 48 4.53 -7.88 -7.31
N LYS B 49 4.05 -9.06 -7.02
CA LYS B 49 4.84 -10.30 -7.06
C LYS B 49 4.36 -11.17 -8.20
N LEU B 50 5.27 -11.60 -9.09
CA LEU B 50 4.89 -12.44 -10.24
C LEU B 50 4.48 -13.86 -9.73
N LEU B 51 3.30 -14.30 -10.12
CA LEU B 51 2.78 -15.67 -9.75
C LEU B 51 2.89 -16.65 -10.92
N ILE B 52 2.38 -16.21 -12.06
CA ILE B 52 2.22 -17.05 -13.24
C ILE B 52 2.76 -16.27 -14.44
N TYR B 53 3.63 -16.91 -15.21
CA TYR B 53 4.09 -16.28 -16.41
C TYR B 53 3.69 -17.07 -17.68
N LEU B 54 3.56 -16.35 -18.77
CA LEU B 54 3.11 -16.91 -20.07
C LEU B 54 1.92 -17.83 -19.87
N ALA B 55 0.90 -17.27 -19.21
CA ALA B 55 -0.44 -17.84 -18.98
C ALA B 55 -0.52 -19.01 -18.01
N SER B 56 0.46 -19.93 -18.06
CA SER B 56 0.23 -21.20 -17.34
C SER B 56 1.44 -21.68 -16.54
N ASN B 57 2.53 -20.92 -16.48
CA ASN B 57 3.79 -21.41 -15.82
C ASN B 57 3.93 -20.82 -14.46
N LEU B 58 4.16 -21.66 -13.45
CA LEU B 58 4.41 -21.07 -12.11
C LEU B 58 5.77 -20.49 -11.97
N ASN B 59 5.87 -19.27 -11.40
CA ASN B 59 7.19 -18.73 -11.13
C ASN B 59 7.84 -19.48 -9.94
N SER B 60 9.17 -19.50 -9.88
CA SER B 60 9.89 -20.17 -8.79
C SER B 60 9.52 -19.49 -7.44
N GLY B 61 9.16 -20.27 -6.45
CA GLY B 61 8.79 -19.67 -5.17
C GLY B 61 7.29 -19.47 -5.01
N VAL B 62 6.55 -19.75 -6.04
CA VAL B 62 5.10 -19.69 -5.92
C VAL B 62 4.59 -21.14 -5.74
N PRO B 63 3.73 -21.37 -4.76
CA PRO B 63 3.18 -22.76 -4.55
C PRO B 63 2.16 -23.25 -5.52
N ALA B 64 2.06 -24.60 -5.67
CA ALA B 64 1.16 -25.13 -6.72
C ALA B 64 -0.27 -24.99 -6.39
N ARG B 65 -0.61 -24.35 -5.27
CA ARG B 65 -2.03 -23.90 -5.05
C ARG B 65 -2.43 -22.88 -6.14
N PHE B 66 -1.42 -22.23 -6.79
CA PHE B 66 -1.73 -21.27 -7.91
C PHE B 66 -1.63 -21.95 -9.27
N SER B 67 -2.53 -21.67 -10.19
CA SER B 67 -2.36 -22.18 -11.57
C SER B 67 -3.05 -21.16 -12.49
N GLY B 68 -2.65 -21.11 -13.74
CA GLY B 68 -3.31 -20.27 -14.71
C GLY B 68 -3.57 -21.10 -15.93
N SER B 69 -4.56 -20.69 -16.71
CA SER B 69 -4.77 -21.33 -18.03
C SER B 69 -5.33 -20.30 -18.97
N GLY B 70 -5.41 -20.67 -20.27
CA GLY B 70 -6.01 -19.80 -21.29
C GLY B 70 -5.02 -19.55 -22.39
N SER B 71 -5.50 -18.95 -23.49
CA SER B 71 -4.67 -18.48 -24.59
C SER B 71 -5.48 -17.45 -25.30
N ARG B 72 -4.81 -16.67 -26.17
CA ARG B 72 -5.38 -15.74 -27.12
C ARG B 72 -5.99 -14.60 -26.33
N THR B 73 -7.24 -14.75 -25.96
CA THR B 73 -7.93 -13.60 -25.29
C THR B 73 -8.56 -13.94 -23.92
N ASP B 74 -8.64 -15.22 -23.55
CA ASP B 74 -9.38 -15.57 -22.32
C ASP B 74 -8.51 -16.34 -21.39
N PHE B 75 -8.39 -15.87 -20.14
CA PHE B 75 -7.44 -16.44 -19.20
C PHE B 75 -8.04 -16.52 -17.84
N THR B 76 -7.54 -17.44 -17.01
CA THR B 76 -8.04 -17.64 -15.68
CA THR B 76 -8.00 -17.52 -15.63
C THR B 76 -6.86 -17.87 -14.73
N LEU B 77 -6.98 -17.41 -13.48
CA LEU B 77 -6.06 -17.73 -12.43
C LEU B 77 -6.92 -18.44 -11.37
N THR B 78 -6.39 -19.54 -10.81
CA THR B 78 -7.11 -20.29 -9.80
C THR B 78 -6.24 -20.44 -8.62
N ILE B 79 -6.78 -20.29 -7.43
CA ILE B 79 -6.00 -20.51 -6.24
C ILE B 79 -6.82 -21.61 -5.53
N ASP B 80 -6.18 -22.74 -5.25
CA ASP B 80 -6.96 -23.87 -4.65
C ASP B 80 -5.97 -24.83 -3.99
N PRO B 81 -6.06 -24.98 -2.68
CA PRO B 81 -6.91 -24.34 -1.66
C PRO B 81 -6.41 -22.96 -1.30
N VAL B 82 -7.35 -22.03 -1.15
CA VAL B 82 -6.97 -20.73 -0.57
C VAL B 82 -6.44 -20.77 0.86
N GLU B 83 -5.41 -19.92 1.14
CA GLU B 83 -4.86 -19.71 2.48
C GLU B 83 -4.92 -18.27 2.93
N ALA B 84 -4.76 -18.02 4.22
CA ALA B 84 -4.94 -16.65 4.77
C ALA B 84 -3.97 -15.66 4.07
N ASP B 85 -2.75 -16.11 3.75
CA ASP B 85 -1.74 -15.23 3.12
C ASP B 85 -2.14 -14.81 1.71
N ASP B 86 -3.20 -15.39 1.16
CA ASP B 86 -3.66 -15.07 -0.22
C ASP B 86 -4.56 -13.80 -0.27
N ALA B 87 -4.87 -13.21 0.89
CA ALA B 87 -5.66 -11.92 0.92
C ALA B 87 -4.76 -10.82 0.26
N ALA B 88 -5.18 -10.35 -0.90
CA ALA B 88 -4.40 -9.44 -1.74
C ALA B 88 -5.26 -9.05 -2.96
N THR B 89 -4.68 -8.21 -3.84
CA THR B 89 -5.31 -7.88 -5.09
C THR B 89 -4.46 -8.57 -6.17
N TYR B 90 -5.14 -9.10 -7.16
CA TYR B 90 -4.44 -9.93 -8.18
C TYR B 90 -4.66 -9.13 -9.47
N TYR B 91 -3.61 -9.08 -10.29
CA TYR B 91 -3.67 -8.39 -11.57
C TYR B 91 -3.17 -9.22 -12.70
N CYS B 92 -3.81 -9.13 -13.86
CA CYS B 92 -3.17 -9.64 -15.07
C CYS B 92 -2.45 -8.56 -15.80
N GLN B 93 -1.51 -8.96 -16.69
CA GLN B 93 -0.64 -8.00 -17.35
C GLN B 93 -0.31 -8.62 -18.70
N GLN B 94 -0.33 -7.81 -19.77
CA GLN B 94 0.07 -8.35 -21.06
C GLN B 94 1.18 -7.48 -21.63
N ASN B 95 2.16 -8.16 -22.22
CA ASN B 95 3.38 -7.49 -22.72
C ASN B 95 3.74 -7.93 -24.09
N ASN B 96 2.73 -7.98 -24.99
CA ASN B 96 3.07 -8.28 -26.41
C ASN B 96 2.32 -7.35 -27.40
N VAL B 97 1.43 -6.50 -26.89
CA VAL B 97 0.69 -5.64 -27.82
C VAL B 97 0.86 -4.22 -27.28
N ASP B 98 1.28 -3.31 -28.18
CA ASP B 98 1.39 -1.93 -27.78
C ASP B 98 0.01 -1.27 -27.59
N PRO B 99 -0.27 -0.62 -26.45
CA PRO B 99 0.62 -0.48 -25.26
C PRO B 99 0.43 -1.57 -24.24
N TRP B 100 1.52 -1.86 -23.52
CA TRP B 100 1.45 -2.87 -22.47
C TRP B 100 0.50 -2.38 -21.38
N THR B 101 -0.28 -3.28 -20.80
CA THR B 101 -1.27 -2.86 -19.78
C THR B 101 -1.45 -3.88 -18.68
N PHE B 102 -2.16 -3.46 -17.65
CA PHE B 102 -2.53 -4.35 -16.58
C PHE B 102 -4.03 -4.35 -16.58
N GLY B 103 -4.59 -5.46 -16.08
CA GLY B 103 -6.00 -5.47 -15.75
C GLY B 103 -6.31 -4.56 -14.56
N GLY B 104 -7.62 -4.36 -14.29
CA GLY B 104 -8.00 -3.49 -13.16
C GLY B 104 -7.91 -4.02 -11.73
N GLY B 105 -7.57 -5.30 -11.60
CA GLY B 105 -7.35 -5.93 -10.28
C GLY B 105 -8.60 -6.68 -9.85
N THR B 106 -8.43 -7.70 -9.04
CA THR B 106 -9.56 -8.43 -8.39
C THR B 106 -9.07 -8.60 -6.95
N LYS B 107 -9.83 -8.18 -5.95
CA LYS B 107 -9.35 -8.24 -4.58
C LYS B 107 -9.92 -9.53 -4.00
N LEU B 108 -9.08 -10.32 -3.35
CA LEU B 108 -9.54 -11.58 -2.73
C LEU B 108 -9.57 -11.33 -1.22
N GLU B 109 -10.74 -11.58 -0.63
CA GLU B 109 -10.93 -11.52 0.81
C GLU B 109 -11.08 -12.96 1.31
N ILE B 110 -10.56 -13.22 2.50
CA ILE B 110 -10.55 -14.58 3.08
C ILE B 110 -11.62 -14.54 4.16
N LYS B 111 -12.52 -15.52 4.14
CA LYS B 111 -13.51 -15.64 5.21
C LYS B 111 -12.95 -16.30 6.46
N ARG B 112 -13.51 -15.91 7.60
CA ARG B 112 -13.09 -16.53 8.83
C ARG B 112 -14.25 -16.33 9.82
N ALA B 113 -14.05 -16.83 11.04
CA ALA B 113 -15.03 -16.69 12.09
C ALA B 113 -15.15 -15.20 12.54
N ASP B 114 -16.34 -14.78 12.95
CA ASP B 114 -16.51 -13.41 13.41
C ASP B 114 -15.64 -13.15 14.63
N ALA B 115 -15.15 -11.92 14.76
CA ALA B 115 -14.23 -11.56 15.85
C ALA B 115 -14.58 -10.15 16.25
N ALA B 116 -14.94 -9.96 17.53
CA ALA B 116 -15.29 -8.59 17.96
C ALA B 116 -14.03 -7.69 18.01
N PRO B 117 -14.16 -6.38 17.80
CA PRO B 117 -12.99 -5.49 17.79
C PRO B 117 -12.49 -5.25 19.20
N THR B 118 -11.19 -5.08 19.39
CA THR B 118 -10.67 -4.61 20.69
C THR B 118 -10.59 -3.13 20.58
N VAL B 119 -11.35 -2.41 21.39
CA VAL B 119 -11.44 -0.96 21.27
C VAL B 119 -10.69 -0.29 22.41
N SER B 120 -9.91 0.72 22.07
CA SER B 120 -9.10 1.47 23.06
C SER B 120 -9.18 2.92 22.72
N ILE B 121 -9.39 3.78 23.73
CA ILE B 121 -9.61 5.20 23.50
C ILE B 121 -8.49 5.96 24.25
N PHE B 122 -8.07 7.08 23.66
CA PHE B 122 -6.89 7.87 24.07
C PHE B 122 -7.20 9.34 24.05
N PRO B 123 -6.90 10.02 25.17
CA PRO B 123 -7.10 11.43 25.26
C PRO B 123 -5.99 12.18 24.51
N PRO B 124 -6.18 13.48 24.24
CA PRO B 124 -5.14 14.38 23.74
C PRO B 124 -3.90 14.31 24.62
N SER B 125 -2.75 14.20 23.96
CA SER B 125 -1.45 14.36 24.67
C SER B 125 -1.20 15.78 25.11
N SER B 126 -0.35 15.99 26.18
CA SER B 126 -0.07 17.37 26.57
C SER B 126 0.70 18.05 25.45
N GLU B 127 1.52 17.28 24.74
CA GLU B 127 2.24 17.84 23.58
C GLU B 127 1.30 18.49 22.63
N GLN B 128 0.24 17.77 22.20
CA GLN B 128 -0.68 18.41 21.21
C GLN B 128 -1.41 19.64 21.72
N LEU B 129 -1.80 19.59 22.97
CA LEU B 129 -2.50 20.75 23.56
C LEU B 129 -1.64 22.02 23.54
N THR B 130 -0.32 21.88 23.58
CA THR B 130 0.53 23.07 23.53
C THR B 130 0.44 23.74 22.16
N SER B 131 0.02 22.98 21.15
CA SER B 131 -0.14 23.59 19.83
C SER B 131 -1.57 24.11 19.60
N GLY B 132 -2.44 23.98 20.60
CA GLY B 132 -3.80 24.54 20.52
C GLY B 132 -4.83 23.60 19.89
N GLY B 133 -4.42 22.35 19.66
CA GLY B 133 -5.35 21.34 19.09
C GLY B 133 -5.58 20.20 20.08
N ALA B 134 -6.64 19.41 19.88
CA ALA B 134 -6.94 18.30 20.71
C ALA B 134 -7.54 17.14 19.93
N SER B 135 -6.80 16.01 19.86
CA SER B 135 -7.28 14.80 19.09
C SER B 135 -7.54 13.73 20.12
N VAL B 136 -8.73 13.14 20.02
CA VAL B 136 -9.10 11.94 20.78
C VAL B 136 -9.06 10.74 19.77
N VAL B 137 -8.41 9.64 20.17
CA VAL B 137 -8.22 8.58 19.19
C VAL B 137 -8.85 7.32 19.72
N CYS B 138 -9.52 6.59 18.82
CA CYS B 138 -9.93 5.21 19.18
CA CYS B 138 -10.05 5.28 19.10
C CYS B 138 -9.37 4.29 18.16
N PHE B 139 -8.73 3.23 18.68
CA PHE B 139 -8.32 2.12 17.82
C PHE B 139 -9.37 1.02 18.01
N LEU B 140 -9.70 0.36 16.90
CA LEU B 140 -10.69 -0.71 16.85
C LEU B 140 -10.01 -1.83 16.09
N ASN B 141 -9.42 -2.74 16.88
CA ASN B 141 -8.43 -3.68 16.28
C ASN B 141 -8.87 -5.14 16.17
N ASN B 142 -8.37 -5.77 15.16
CA ASN B 142 -8.52 -7.24 14.89
C ASN B 142 -9.97 -7.78 14.91
N PHE B 143 -10.80 -7.13 14.12
CA PHE B 143 -12.19 -7.59 14.02
C PHE B 143 -12.54 -8.29 12.71
N TYR B 144 -13.66 -9.01 12.70
CA TYR B 144 -14.13 -9.62 11.42
C TYR B 144 -15.66 -9.82 11.64
N PRO B 145 -16.53 -9.54 10.65
CA PRO B 145 -16.25 -9.03 9.32
C PRO B 145 -15.71 -7.64 9.26
N LYS B 146 -15.39 -7.21 8.04
CA LYS B 146 -14.75 -5.87 7.89
C LYS B 146 -15.65 -4.70 8.16
N ASP B 147 -16.97 -4.90 8.13
CA ASP B 147 -17.88 -3.75 8.19
C ASP B 147 -17.98 -3.19 9.61
N ILE B 148 -17.72 -1.90 9.75
CA ILE B 148 -17.78 -1.29 11.09
C ILE B 148 -18.13 0.17 10.95
N ASN B 149 -18.86 0.71 11.90
CA ASN B 149 -19.14 2.14 11.81
C ASN B 149 -18.79 2.77 13.18
N VAL B 150 -18.16 3.93 13.16
CA VAL B 150 -17.84 4.62 14.42
C VAL B 150 -18.57 5.95 14.50
N LYS B 151 -19.20 6.21 15.65
CA LYS B 151 -19.76 7.51 15.93
C LYS B 151 -19.11 8.07 17.12
N TRP B 152 -18.82 9.38 17.11
CA TRP B 152 -18.31 10.04 18.33
C TRP B 152 -19.39 10.81 19.08
N LYS B 153 -19.33 10.79 20.41
CA LYS B 153 -20.18 11.68 21.14
C LYS B 153 -19.34 12.49 22.12
N ILE B 154 -19.84 13.70 22.39
CA ILE B 154 -19.23 14.62 23.36
C ILE B 154 -20.37 14.98 24.35
N ASP B 155 -20.15 14.67 25.63
CA ASP B 155 -21.22 14.89 26.68
C ASP B 155 -22.53 14.29 26.26
N GLY B 156 -22.45 13.09 25.70
CA GLY B 156 -23.62 12.33 25.27
C GLY B 156 -24.29 12.73 23.96
N SER B 157 -23.77 13.69 23.20
CA SER B 157 -24.39 14.13 21.91
C SER B 157 -23.45 13.81 20.79
N GLU B 158 -23.98 13.35 19.63
CA GLU B 158 -23.17 12.97 18.45
C GLU B 158 -22.43 14.16 17.90
N ARG B 159 -21.21 13.90 17.47
CA ARG B 159 -20.37 14.91 16.90
C ARG B 159 -19.90 14.36 15.60
N GLN B 160 -20.21 15.05 14.48
CA GLN B 160 -19.78 14.55 13.15
C GLN B 160 -18.57 15.21 12.55
N ASN B 161 -18.42 16.48 12.86
CA ASN B 161 -17.34 17.27 12.27
C ASN B 161 -16.02 17.01 13.01
N GLY B 162 -14.92 17.04 12.30
CA GLY B 162 -13.59 16.78 12.94
C GLY B 162 -13.14 15.33 13.06
N VAL B 163 -13.86 14.41 12.41
CA VAL B 163 -13.55 12.97 12.50
C VAL B 163 -12.77 12.52 11.26
N LEU B 164 -11.61 11.89 11.45
CA LEU B 164 -10.82 11.32 10.33
C LEU B 164 -10.55 9.82 10.64
N ASN B 165 -10.83 8.96 9.66
CA ASN B 165 -10.80 7.51 9.90
C ASN B 165 -9.86 6.87 8.94
N SER B 166 -9.27 5.74 9.34
CA SER B 166 -8.38 4.99 8.48
C SER B 166 -8.59 3.53 8.77
N TRP B 167 -8.51 2.70 7.69
CA TRP B 167 -8.81 1.26 7.82
C TRP B 167 -7.66 0.44 7.29
N THR B 168 -7.28 -0.62 7.98
CA THR B 168 -6.21 -1.49 7.34
C THR B 168 -6.91 -2.42 6.34
N ASP B 169 -6.13 -2.93 5.40
CA ASP B 169 -6.60 -4.03 4.60
C ASP B 169 -6.51 -5.31 5.40
N GLN B 170 -6.94 -6.40 4.80
CA GLN B 170 -7.12 -7.64 5.62
C GLN B 170 -5.75 -8.19 6.04
N ASP B 171 -5.65 -8.62 7.28
CA ASP B 171 -4.36 -9.19 7.83
C ASP B 171 -3.96 -10.55 7.20
N SER B 172 -2.72 -10.70 6.73
CA SER B 172 -2.33 -11.93 6.01
C SER B 172 -2.19 -13.12 6.92
N LYS B 173 -2.11 -12.89 8.23
CA LYS B 173 -1.95 -13.99 9.21
C LYS B 173 -3.26 -14.41 9.85
N ASP B 174 -4.04 -13.44 10.37
CA ASP B 174 -5.25 -13.80 11.09
C ASP B 174 -6.53 -13.43 10.37
N SER B 175 -6.42 -12.81 9.17
CA SER B 175 -7.62 -12.49 8.37
C SER B 175 -8.58 -11.48 9.02
N THR B 176 -8.10 -10.75 10.03
CA THR B 176 -8.85 -9.66 10.56
C THR B 176 -8.60 -8.28 9.90
N TYR B 177 -9.41 -7.33 10.33
CA TYR B 177 -9.32 -5.93 9.94
C TYR B 177 -9.17 -5.05 11.14
N SER B 178 -8.55 -3.86 10.94
CA SER B 178 -8.45 -2.92 12.05
C SER B 178 -8.81 -1.50 11.58
N MET B 179 -9.09 -0.62 12.53
CA MET B 179 -9.50 0.71 12.13
C MET B 179 -9.01 1.73 13.14
N SER B 180 -8.65 2.93 12.68
CA SER B 180 -8.34 4.03 13.63
C SER B 180 -9.33 5.18 13.35
N SER B 181 -9.89 5.77 14.41
CA SER B 181 -10.73 6.94 14.26
C SER B 181 -10.16 8.08 15.16
N THR B 182 -9.94 9.25 14.57
CA THR B 182 -9.48 10.41 15.35
C THR B 182 -10.49 11.55 15.29
N LEU B 183 -10.93 12.02 16.45
CA LEU B 183 -11.73 13.26 16.55
C LEU B 183 -10.80 14.40 16.92
N THR B 184 -10.68 15.37 16.02
CA THR B 184 -9.89 16.60 16.30
C THR B 184 -10.76 17.85 16.61
N LEU B 185 -10.48 18.47 17.75
CA LEU B 185 -11.11 19.73 18.15
C LEU B 185 -10.03 20.75 18.44
N THR B 186 -10.44 22.01 18.62
CA THR B 186 -9.47 22.98 19.19
C THR B 186 -9.34 22.67 20.65
N LYS B 187 -8.27 23.16 21.29
CA LYS B 187 -8.09 22.88 22.71
C LYS B 187 -9.24 23.60 23.46
N ASP B 188 -9.60 24.77 23.00
CA ASP B 188 -10.70 25.56 23.65
C ASP B 188 -12.01 24.80 23.63
N GLU B 189 -12.36 24.22 22.48
CA GLU B 189 -13.59 23.44 22.45
C GLU B 189 -13.44 22.20 23.31
N TYR B 190 -12.30 21.52 23.22
CA TYR B 190 -12.05 20.34 24.02
C TYR B 190 -12.29 20.60 25.53
N GLU B 191 -11.85 21.77 25.98
CA GLU B 191 -11.99 22.13 27.38
C GLU B 191 -13.39 22.62 27.74
N ARG B 192 -14.30 22.71 26.78
CA ARG B 192 -15.66 23.08 27.13
C ARG B 192 -16.52 21.87 27.50
N HIS B 193 -15.97 20.66 27.41
CA HIS B 193 -16.77 19.47 27.56
C HIS B 193 -16.10 18.45 28.39
N ASN B 194 -16.85 17.49 28.87
CA ASN B 194 -16.29 16.56 29.84
C ASN B 194 -16.05 15.14 29.29
N SER B 195 -17.10 14.60 28.70
CA SER B 195 -17.10 13.18 28.36
C SER B 195 -16.92 13.01 26.82
N TYR B 196 -16.06 12.06 26.39
CA TYR B 196 -15.79 11.88 24.96
C TYR B 196 -15.92 10.40 24.72
N THR B 197 -16.70 10.00 23.69
CA THR B 197 -17.03 8.59 23.53
C THR B 197 -16.92 8.16 22.07
N CYS B 198 -16.27 7.01 21.84
CA CYS B 198 -16.34 6.42 20.48
CA CYS B 198 -16.21 6.39 20.52
C CYS B 198 -17.22 5.21 20.61
N GLU B 199 -18.18 5.15 19.69
CA GLU B 199 -19.19 4.07 19.67
C GLU B 199 -19.09 3.31 18.35
N ALA B 200 -18.89 2.00 18.39
CA ALA B 200 -18.69 1.23 17.18
C ALA B 200 -19.87 0.32 17.00
N THR B 201 -20.39 0.26 15.77
CA THR B 201 -21.36 -0.78 15.42
CA THR B 201 -21.34 -0.75 15.43
C THR B 201 -20.71 -1.86 14.59
N HIS B 202 -20.92 -3.12 14.98
CA HIS B 202 -20.22 -4.23 14.30
C HIS B 202 -21.16 -5.41 14.43
N LYS B 203 -21.04 -6.38 13.52
CA LYS B 203 -22.02 -7.48 13.49
C LYS B 203 -21.94 -8.29 14.80
N THR B 204 -20.79 -8.27 15.48
CA THR B 204 -20.63 -9.13 16.66
C THR B 204 -21.47 -8.70 17.84
N SER B 205 -22.07 -7.50 17.79
CA SER B 205 -22.96 -7.03 18.92
C SER B 205 -24.23 -6.39 18.37
N THR B 206 -25.42 -6.61 19.00
CA THR B 206 -26.59 -5.89 18.48
C THR B 206 -26.67 -4.49 19.16
N SER B 207 -25.78 -4.20 20.11
CA SER B 207 -25.73 -2.85 20.70
C SER B 207 -24.34 -2.15 20.40
N PRO B 208 -24.30 -0.80 20.36
CA PRO B 208 -23.01 -0.11 20.16
C PRO B 208 -21.95 -0.61 21.10
N ILE B 209 -20.69 -0.63 20.65
CA ILE B 209 -19.54 -1.01 21.51
C ILE B 209 -18.89 0.33 21.88
N VAL B 210 -18.70 0.61 23.17
CA VAL B 210 -18.51 2.00 23.59
C VAL B 210 -17.20 2.09 24.38
N LYS B 211 -16.36 3.10 24.12
CA LYS B 211 -15.25 3.41 25.03
C LYS B 211 -15.32 4.87 25.31
N SER B 212 -14.94 5.26 26.51
CA SER B 212 -15.11 6.65 26.93
CA SER B 212 -15.08 6.64 26.89
C SER B 212 -13.96 7.10 27.83
N PHE B 213 -13.71 8.40 27.84
CA PHE B 213 -13.01 8.90 29.01
C PHE B 213 -13.58 10.29 29.35
N ASN B 214 -13.21 10.78 30.52
CA ASN B 214 -13.71 12.03 31.06
C ASN B 214 -12.57 12.99 31.26
N ARG B 215 -12.65 14.17 30.67
CA ARG B 215 -11.59 15.19 30.79
C ARG B 215 -11.48 15.62 32.26
N PCA C 1 16.73 -16.20 -27.58
CA PCA C 1 15.41 -15.81 -27.12
CB PCA C 1 15.55 -15.23 -25.71
CG PCA C 1 17.02 -15.04 -25.40
CD PCA C 1 17.65 -15.75 -26.59
OE PCA C 1 18.86 -15.91 -26.73
C PCA C 1 14.76 -14.78 -28.03
O PCA C 1 15.46 -14.22 -28.92
N LEU C 2 13.47 -14.50 -27.81
CA LEU C 2 12.78 -13.46 -28.56
C LEU C 2 13.35 -12.13 -28.16
N ILE C 3 13.20 -11.13 -29.02
CA ILE C 3 13.64 -9.77 -28.77
C ILE C 3 12.43 -8.93 -28.82
N ASN C 4 12.36 -7.92 -27.95
CA ASN C 4 11.18 -7.03 -28.01
C ASN C 4 11.54 -5.74 -28.75
N THR C 5 10.61 -5.30 -29.62
CA THR C 5 10.67 -4.02 -30.37
C THR C 5 9.31 -3.37 -30.36
N ASN C 6 9.23 -2.14 -29.75
CA ASN C 6 7.99 -1.38 -29.78
C ASN C 6 6.86 -2.17 -29.19
N GLY C 7 7.16 -3.01 -28.14
CA GLY C 7 6.12 -3.65 -27.34
C GLY C 7 5.87 -5.12 -27.80
N SER C 8 6.32 -5.50 -29.01
CA SER C 8 6.08 -6.89 -29.44
C SER C 8 7.36 -7.71 -29.56
N TRP C 9 7.21 -9.00 -29.25
CA TRP C 9 8.35 -9.95 -29.22
C TRP C 9 8.47 -10.66 -30.58
N HIS C 10 9.71 -10.82 -31.06
CA HIS C 10 9.94 -11.35 -32.44
C HIS C 10 11.31 -12.00 -32.44
N VAL C 11 11.60 -12.82 -33.50
CA VAL C 11 12.87 -13.51 -33.50
C VAL C 11 13.98 -12.65 -33.96
N ASN C 12 13.64 -11.70 -34.84
CA ASN C 12 14.67 -10.82 -35.39
C ASN C 12 14.04 -9.57 -36.00
C1 GOL D . 9.77 17.80 14.22
O1 GOL D . 9.24 16.84 13.25
C2 GOL D . 10.31 19.02 13.47
O2 GOL D . 10.60 20.10 14.41
C3 GOL D . 11.52 18.61 12.61
O3 GOL D . 11.88 19.79 11.89
C1 GOL E . -2.02 -5.22 7.95
O1 GOL E . -2.63 -6.20 7.10
C2 GOL E . -1.85 -5.75 9.37
O2 GOL E . -3.08 -6.13 9.99
C3 GOL E . -1.25 -4.66 10.29
O3 GOL E . -2.09 -3.53 10.36
#